data_5A7B
#
_entry.id   5A7B
#
_cell.length_a   65.120
_cell.length_b   71.111
_cell.length_c   105.114
_cell.angle_alpha   90.00
_cell.angle_beta   90.00
_cell.angle_gamma   90.00
#
_symmetry.space_group_name_H-M   'P 21 21 21'
#
loop_
_entity.id
_entity.type
_entity.pdbx_description
1 polymer 'CELLULAR TUMOR ANTIGEN P53'
2 non-polymer 'ZINC ION'
3 non-polymer 2-[[4-(diethylamino)piperidin-1-yl]methyl]-6-ethynyl-4-(3-phenoxyprop-1-ynyl)phenol
4 water water
#
_entity_poly.entity_id   1
_entity_poly.type   'polypeptide(L)'
_entity_poly.pdbx_seq_one_letter_code
;SSSVPSQKTYQGSYGFRLGFLHSGTAKSVTCTYSPALNKLFCQLAKTCPVQLWVDSTPPPGTRVRAMAIYKQSQHMTEVV
RRCPHHERCSDSDGLAPPQHLIRVEGNLRAEYLDDRNTFRHSVVVPCEPPEVGSDCTTIHYNYMCYSSCMGGMNRRPILT
IITLEDSSGNLLGRDSFEVRVCACPGRDRRTEEENLRKKGEPHHELPPGSTKRALPNNT
;
_entity_poly.pdbx_strand_id   A,B
#
loop_
_chem_comp.id
_chem_comp.type
_chem_comp.name
_chem_comp.formula
KMN non-polymer 2-[[4-(diethylamino)piperidin-1-yl]methyl]-6-ethynyl-4-(3-phenoxyprop-1-ynyl)phenol 'C27 H32 N2 O2'
ZN non-polymer 'ZINC ION' 'Zn 2'
#
# COMPACT_ATOMS: atom_id res chain seq x y z
N SER A 3 5.29 1.29 -14.24
CA SER A 3 4.51 1.90 -13.17
C SER A 3 3.72 0.86 -12.39
N VAL A 4 3.07 1.32 -11.32
CA VAL A 4 2.26 0.48 -10.47
C VAL A 4 1.00 1.24 -10.07
N PRO A 5 -0.18 0.65 -10.32
CA PRO A 5 -1.44 1.29 -9.95
C PRO A 5 -1.57 1.44 -8.43
N SER A 6 -2.15 2.55 -7.98
CA SER A 6 -2.40 2.74 -6.55
C SER A 6 -3.41 1.73 -6.02
N GLN A 7 -3.22 1.31 -4.78
CA GLN A 7 -4.19 0.44 -4.10
C GLN A 7 -4.79 1.10 -2.88
N LYS A 8 -4.60 2.41 -2.77
CA LYS A 8 -5.10 3.14 -1.60
C LYS A 8 -6.62 3.22 -1.56
N THR A 9 -7.22 2.78 -0.46
CA THR A 9 -8.66 2.85 -0.29
C THR A 9 -9.09 4.31 -0.28
N TYR A 10 -10.10 4.63 -1.07
CA TYR A 10 -10.55 6.00 -1.23
C TYR A 10 -12.05 5.98 -1.48
N GLN A 11 -12.83 6.38 -0.48
CA GLN A 11 -14.28 6.36 -0.67
C GLN A 11 -14.76 7.46 -1.60
N GLY A 12 -14.09 8.61 -1.54
CA GLY A 12 -14.44 9.71 -2.42
C GLY A 12 -15.76 10.38 -2.09
N SER A 13 -16.19 11.26 -3.00
CA SER A 13 -17.38 12.08 -2.78
CA SER A 13 -17.37 12.08 -2.78
C SER A 13 -18.66 11.28 -2.65
N TYR A 14 -18.67 10.08 -3.24
CA TYR A 14 -19.88 9.28 -3.28
C TYR A 14 -19.93 8.18 -2.23
N GLY A 15 -18.92 8.09 -1.38
CA GLY A 15 -18.87 7.08 -0.34
C GLY A 15 -18.80 5.66 -0.90
N PHE A 16 -17.93 5.48 -1.90
CA PHE A 16 -17.78 4.20 -2.59
C PHE A 16 -17.05 3.15 -1.77
N ARG A 17 -17.63 1.95 -1.69
CA ARG A 17 -16.93 0.82 -1.08
C ARG A 17 -17.55 -0.49 -1.56
N LEU A 18 -16.80 -1.58 -1.40
CA LEU A 18 -17.29 -2.89 -1.80
C LEU A 18 -18.04 -3.59 -0.69
N GLY A 19 -18.77 -4.64 -1.05
CA GLY A 19 -19.39 -5.55 -0.09
C GLY A 19 -19.29 -6.98 -0.58
N PHE A 20 -19.27 -7.93 0.35
CA PHE A 20 -19.19 -9.33 0.00
C PHE A 20 -20.26 -10.12 0.73
N LEU A 21 -20.74 -11.17 0.08
CA LEU A 21 -21.70 -12.08 0.71
C LEU A 21 -21.04 -12.87 1.82
N HIS A 22 -21.84 -13.56 2.62
CA HIS A 22 -21.33 -14.43 3.66
C HIS A 22 -21.62 -15.88 3.28
N SER A 23 -20.67 -16.49 2.58
CA SER A 23 -20.90 -17.77 1.93
C SER A 23 -20.45 -18.96 2.74
N GLY A 24 -19.71 -18.70 3.83
CA GLY A 24 -19.24 -19.78 4.70
C GLY A 24 -18.03 -20.49 4.14
N THR A 25 -17.61 -21.56 4.82
CA THR A 25 -16.37 -22.24 4.46
C THR A 25 -16.54 -23.75 4.29
N ALA A 26 -17.76 -24.16 3.96
CA ALA A 26 -18.03 -25.57 3.65
C ALA A 26 -17.14 -26.01 2.49
N LYS A 27 -16.77 -27.28 2.47
CA LYS A 27 -15.88 -27.79 1.44
C LYS A 27 -16.44 -27.58 0.04
N SER A 28 -17.78 -27.50 -0.07
CA SER A 28 -18.44 -27.36 -1.35
C SER A 28 -18.50 -25.93 -1.88
N VAL A 29 -18.13 -24.95 -1.04
CA VAL A 29 -18.25 -23.55 -1.42
C VAL A 29 -17.33 -23.19 -2.60
N THR A 30 -17.84 -22.35 -3.51
CA THR A 30 -17.10 -22.02 -4.73
C THR A 30 -16.48 -20.63 -4.70
N CYS A 31 -16.95 -19.80 -3.78
CA CYS A 31 -16.47 -18.44 -3.63
C CYS A 31 -16.76 -18.04 -2.19
N THR A 32 -15.76 -17.53 -1.49
CA THR A 32 -15.97 -17.10 -0.11
C THR A 32 -14.98 -15.98 0.26
N TYR A 33 -15.48 -15.02 1.01
CA TYR A 33 -14.70 -13.83 1.37
C TYR A 33 -14.34 -13.82 2.85
N SER A 34 -13.07 -13.57 3.13
CA SER A 34 -12.59 -13.40 4.50
C SER A 34 -12.39 -11.94 4.88
N PRO A 35 -13.27 -11.40 5.74
CA PRO A 35 -13.04 -10.03 6.22
C PRO A 35 -11.74 -9.89 7.01
N ALA A 36 -11.39 -10.90 7.82
CA ALA A 36 -10.17 -10.80 8.62
C ALA A 36 -8.94 -10.65 7.75
N LEU A 37 -8.95 -11.29 6.58
CA LEU A 37 -7.81 -11.29 5.69
C LEU A 37 -7.96 -10.29 4.53
N ASN A 38 -9.15 -9.69 4.42
CA ASN A 38 -9.56 -8.94 3.22
C ASN A 38 -9.18 -9.71 1.96
N LYS A 39 -9.66 -10.95 1.87
CA LYS A 39 -9.23 -11.87 0.84
C LYS A 39 -10.40 -12.72 0.36
N LEU A 40 -10.58 -12.73 -0.95
CA LEU A 40 -11.56 -13.57 -1.61
C LEU A 40 -10.89 -14.88 -2.04
N PHE A 41 -11.52 -16.01 -1.75
CA PHE A 41 -11.06 -17.32 -2.17
C PHE A 41 -12.10 -17.87 -3.15
N CYS A 42 -11.66 -18.29 -4.33
CA CYS A 42 -12.64 -18.77 -5.31
C CYS A 42 -12.08 -19.88 -6.18
N GLN A 43 -12.99 -20.67 -6.72
CA GLN A 43 -12.64 -21.67 -7.72
C GLN A 43 -12.45 -21.04 -9.09
N LEU A 44 -11.74 -21.75 -9.95
CA LEU A 44 -11.46 -21.30 -11.30
C LEU A 44 -12.73 -21.06 -12.11
N ALA A 45 -12.86 -19.86 -12.66
CA ALA A 45 -13.94 -19.51 -13.57
C ALA A 45 -15.34 -19.55 -12.96
N LYS A 46 -15.43 -19.51 -11.64
CA LYS A 46 -16.71 -19.54 -10.96
C LYS A 46 -17.16 -18.13 -10.61
N THR A 47 -18.46 -17.95 -10.48
CA THR A 47 -19.05 -16.64 -10.21
C THR A 47 -18.57 -16.07 -8.87
N CYS A 48 -18.08 -14.84 -8.90
CA CYS A 48 -17.67 -14.12 -7.69
C CYS A 48 -18.49 -12.85 -7.58
N PRO A 49 -19.55 -12.88 -6.76
CA PRO A 49 -20.37 -11.68 -6.60
C PRO A 49 -19.67 -10.64 -5.74
N VAL A 50 -19.55 -9.42 -6.26
CA VAL A 50 -18.95 -8.33 -5.51
C VAL A 50 -19.96 -7.19 -5.50
N GLN A 51 -20.35 -6.76 -4.31
CA GLN A 51 -21.29 -5.66 -4.21
C GLN A 51 -20.60 -4.31 -4.30
N LEU A 52 -21.31 -3.33 -4.88
CA LEU A 52 -20.87 -1.94 -4.90
C LEU A 52 -21.86 -1.13 -4.08
N TRP A 53 -21.33 -0.37 -3.14
CA TRP A 53 -22.15 0.46 -2.24
C TRP A 53 -21.73 1.91 -2.39
N VAL A 54 -22.71 2.81 -2.44
CA VAL A 54 -22.44 4.24 -2.40
C VAL A 54 -23.39 4.94 -1.44
N ASP A 55 -22.95 6.08 -0.91
CA ASP A 55 -23.80 6.91 -0.05
C ASP A 55 -24.69 7.83 -0.88
N SER A 56 -24.23 8.20 -2.06
CA SER A 56 -25.00 9.07 -2.94
C SER A 56 -24.77 8.70 -4.40
N THR A 57 -25.69 9.09 -5.25
CA THR A 57 -25.69 8.70 -6.65
C THR A 57 -24.61 9.42 -7.46
N PRO A 58 -23.69 8.66 -8.07
CA PRO A 58 -22.68 9.23 -8.96
CA PRO A 58 -22.71 9.32 -8.94
C PRO A 58 -23.32 9.65 -10.29
N PRO A 59 -22.65 10.50 -11.06
CA PRO A 59 -23.24 10.94 -12.33
C PRO A 59 -23.44 9.83 -13.37
N PRO A 60 -24.42 9.99 -14.26
CA PRO A 60 -24.52 9.10 -15.41
C PRO A 60 -23.19 9.10 -16.17
N GLY A 61 -22.73 7.93 -16.61
CA GLY A 61 -21.44 7.86 -17.28
C GLY A 61 -20.33 7.37 -16.37
N THR A 62 -20.59 7.33 -15.08
CA THR A 62 -19.66 6.74 -14.13
C THR A 62 -19.45 5.27 -14.47
N ARG A 63 -18.22 4.78 -14.28
CA ARG A 63 -17.91 3.37 -14.57
C ARG A 63 -17.14 2.72 -13.43
N VAL A 64 -17.09 1.39 -13.48
CA VAL A 64 -16.44 0.60 -12.44
C VAL A 64 -15.44 -0.33 -13.11
N ARG A 65 -14.16 -0.17 -12.76
CA ARG A 65 -13.07 -0.93 -13.37
C ARG A 65 -12.45 -1.91 -12.39
N ALA A 66 -12.08 -3.09 -12.87
CA ALA A 66 -11.34 -4.08 -12.08
C ALA A 66 -10.01 -4.38 -12.75
N MET A 67 -8.96 -4.46 -11.94
CA MET A 67 -7.60 -4.75 -12.43
C MET A 67 -6.88 -5.58 -11.37
N ALA A 68 -6.07 -6.54 -11.79
CA ALA A 68 -5.27 -7.31 -10.85
C ALA A 68 -3.83 -6.81 -10.85
N ILE A 69 -3.20 -6.80 -9.67
CA ILE A 69 -1.76 -6.58 -9.58
C ILE A 69 -1.18 -7.61 -8.62
N TYR A 70 0.11 -7.88 -8.75
CA TYR A 70 0.78 -8.71 -7.76
C TYR A 70 0.88 -7.97 -6.43
N LYS A 71 0.64 -8.69 -5.34
CA LYS A 71 0.64 -8.08 -4.01
C LYS A 71 2.05 -7.78 -3.50
N GLN A 72 3.00 -8.67 -3.82
CA GLN A 72 4.39 -8.50 -3.38
C GLN A 72 5.09 -7.44 -4.21
N SER A 73 5.77 -6.51 -3.52
CA SER A 73 6.38 -5.36 -4.19
CA SER A 73 6.40 -5.36 -4.18
C SER A 73 7.39 -5.74 -5.27
N GLN A 74 8.11 -6.84 -5.06
CA GLN A 74 9.13 -7.26 -6.02
C GLN A 74 8.51 -7.78 -7.31
N HIS A 75 7.19 -7.98 -7.33
CA HIS A 75 6.51 -8.44 -8.54
C HIS A 75 5.50 -7.43 -9.08
N MET A 76 5.37 -6.30 -8.40
CA MET A 76 4.30 -5.35 -8.71
C MET A 76 4.32 -4.78 -10.12
N THR A 77 5.52 -4.64 -10.69
CA THR A 77 5.60 -4.09 -12.03
C THR A 77 5.28 -5.10 -13.13
N GLU A 78 5.12 -6.37 -12.78
CA GLU A 78 4.79 -7.40 -13.76
C GLU A 78 3.30 -7.44 -14.02
N VAL A 79 2.91 -7.42 -15.29
CA VAL A 79 1.51 -7.50 -15.65
C VAL A 79 0.94 -8.85 -15.21
N VAL A 80 -0.18 -8.84 -14.49
CA VAL A 80 -0.90 -10.06 -14.15
C VAL A 80 -1.69 -10.51 -15.36
N ARG A 81 -1.44 -11.73 -15.82
CA ARG A 81 -2.08 -12.26 -17.02
C ARG A 81 -2.31 -13.75 -16.86
N ARG A 82 -3.12 -14.32 -17.74
CA ARG A 82 -3.28 -15.77 -17.74
C ARG A 82 -2.01 -16.48 -18.18
N CYS A 83 -1.85 -17.70 -17.68
CA CYS A 83 -0.68 -18.50 -17.93
C CYS A 83 -0.64 -19.01 -19.39
N PRO A 84 0.51 -19.60 -19.78
CA PRO A 84 0.67 -20.00 -21.18
C PRO A 84 -0.31 -21.08 -21.61
N HIS A 85 -0.81 -21.86 -20.65
CA HIS A 85 -1.85 -22.84 -20.93
C HIS A 85 -3.22 -22.18 -21.08
N HIS A 86 -3.65 -21.42 -20.08
CA HIS A 86 -5.02 -20.93 -20.09
C HIS A 86 -5.27 -19.86 -21.16
N GLU A 87 -4.25 -19.09 -21.54
CA GLU A 87 -4.45 -18.11 -22.59
C GLU A 87 -4.72 -18.76 -23.95
N ARG A 88 -4.46 -20.06 -24.05
CA ARG A 88 -4.64 -20.83 -25.29
C ARG A 88 -5.74 -21.88 -25.25
N CYS A 89 -6.59 -21.87 -24.22
N CYS A 89 -6.59 -21.83 -24.23
CA CYS A 89 -7.57 -22.95 -24.12
CA CYS A 89 -7.63 -22.84 -24.00
C CYS A 89 -8.92 -22.63 -24.78
C CYS A 89 -8.87 -22.67 -24.87
N SER A 90 -8.99 -21.50 -25.50
CA SER A 90 -10.15 -21.20 -26.33
C SER A 90 -11.45 -21.26 -25.54
N ASP A 91 -11.42 -20.72 -24.32
CA ASP A 91 -12.61 -20.67 -23.47
C ASP A 91 -13.21 -19.27 -23.50
N SER A 92 -13.01 -18.59 -24.62
CA SER A 92 -13.54 -17.26 -24.86
C SER A 92 -15.04 -17.16 -24.64
N ASP A 93 -15.49 -16.01 -24.13
CA ASP A 93 -16.91 -15.75 -23.99
C ASP A 93 -17.37 -14.83 -25.11
N GLY A 94 -16.46 -14.52 -26.02
CA GLY A 94 -16.76 -13.70 -27.17
C GLY A 94 -16.40 -12.24 -26.99
N LEU A 95 -16.02 -11.86 -25.78
CA LEU A 95 -15.75 -10.47 -25.46
C LEU A 95 -14.40 -10.30 -24.75
N ALA A 96 -14.15 -11.14 -23.74
CA ALA A 96 -12.88 -11.07 -23.03
C ALA A 96 -11.72 -11.60 -23.86
N PRO A 97 -10.62 -10.83 -23.97
CA PRO A 97 -9.44 -11.37 -24.64
C PRO A 97 -8.98 -12.59 -23.85
N PRO A 98 -8.47 -13.61 -24.53
CA PRO A 98 -8.08 -14.86 -23.85
C PRO A 98 -6.95 -14.67 -22.84
N GLN A 99 -6.20 -13.57 -22.92
CA GLN A 99 -5.12 -13.29 -21.97
C GLN A 99 -5.57 -12.74 -20.62
N HIS A 100 -6.80 -12.19 -20.56
CA HIS A 100 -7.25 -11.49 -19.35
C HIS A 100 -7.65 -12.43 -18.22
N LEU A 101 -7.07 -12.20 -17.05
CA LEU A 101 -7.41 -12.99 -15.86
C LEU A 101 -8.84 -12.73 -15.39
N ILE A 102 -9.23 -11.46 -15.35
CA ILE A 102 -10.54 -11.09 -14.76
C ILE A 102 -11.57 -10.84 -15.86
N ARG A 103 -12.69 -11.54 -15.78
CA ARG A 103 -13.82 -11.29 -16.67
C ARG A 103 -15.02 -10.83 -15.84
N VAL A 104 -15.90 -10.10 -16.50
CA VAL A 104 -17.23 -9.84 -15.95
C VAL A 104 -18.21 -10.74 -16.67
N GLU A 105 -19.03 -11.43 -15.88
CA GLU A 105 -20.07 -12.32 -16.37
C GLU A 105 -21.39 -11.60 -16.60
N GLY A 106 -22.04 -11.90 -17.71
CA GLY A 106 -23.41 -11.49 -17.93
C GLY A 106 -23.63 -9.99 -18.01
N ASN A 107 -22.69 -9.28 -18.62
CA ASN A 107 -22.86 -7.84 -18.85
C ASN A 107 -22.34 -7.49 -20.24
N LEU A 108 -23.26 -7.23 -21.16
CA LEU A 108 -22.88 -7.02 -22.55
C LEU A 108 -22.20 -5.67 -22.78
N ARG A 109 -22.25 -4.81 -21.77
CA ARG A 109 -21.59 -3.53 -21.85
C ARG A 109 -20.21 -3.51 -21.20
N ALA A 110 -19.73 -4.69 -20.78
CA ALA A 110 -18.36 -4.80 -20.30
C ALA A 110 -17.36 -4.50 -21.43
N GLU A 111 -16.32 -3.74 -21.09
CA GLU A 111 -15.24 -3.43 -22.02
C GLU A 111 -13.92 -3.90 -21.42
N TYR A 112 -13.07 -4.48 -22.26
CA TYR A 112 -11.78 -4.99 -21.85
C TYR A 112 -10.68 -4.12 -22.41
N LEU A 113 -9.82 -3.63 -21.53
CA LEU A 113 -8.75 -2.72 -21.95
C LEU A 113 -7.39 -3.39 -21.86
N ASP A 114 -6.63 -3.29 -22.94
CA ASP A 114 -5.19 -3.53 -22.92
C ASP A 114 -4.52 -2.17 -22.94
N ASP A 115 -3.96 -1.75 -21.82
CA ASP A 115 -3.43 -0.39 -21.73
C ASP A 115 -2.27 -0.21 -22.71
N ARG A 116 -2.32 0.85 -23.51
CA ARG A 116 -1.33 1.05 -24.57
C ARG A 116 0.05 1.39 -24.01
N ASN A 117 0.07 1.91 -22.80
CA ASN A 117 1.32 2.32 -22.17
C ASN A 117 1.86 1.33 -21.12
N THR A 118 0.98 0.83 -20.26
CA THR A 118 1.40 -0.06 -19.18
C THR A 118 1.24 -1.52 -19.54
N PHE A 119 0.45 -1.80 -20.58
CA PHE A 119 0.17 -3.16 -21.01
C PHE A 119 -0.68 -3.96 -20.02
N ARG A 120 -1.15 -3.30 -18.97
CA ARG A 120 -2.02 -3.98 -18.00
C ARG A 120 -3.42 -4.17 -18.53
N HIS A 121 -4.07 -5.22 -18.02
CA HIS A 121 -5.42 -5.57 -18.42
C HIS A 121 -6.40 -5.07 -17.40
N SER A 122 -7.58 -4.69 -17.86
CA SER A 122 -8.66 -4.39 -16.95
C SER A 122 -9.99 -4.59 -17.64
N VAL A 123 -11.05 -4.67 -16.84
CA VAL A 123 -12.38 -4.82 -17.37
C VAL A 123 -13.27 -3.80 -16.68
N VAL A 124 -14.04 -3.08 -17.48
CA VAL A 124 -14.81 -1.95 -16.97
C VAL A 124 -16.27 -2.03 -17.42
N VAL A 125 -17.17 -1.68 -16.52
CA VAL A 125 -18.61 -1.67 -16.81
C VAL A 125 -19.26 -0.36 -16.38
N PRO A 126 -20.41 -0.04 -16.96
CA PRO A 126 -21.12 1.16 -16.48
C PRO A 126 -21.59 0.98 -15.04
N CYS A 127 -21.51 2.05 -14.27
CA CYS A 127 -22.10 2.07 -12.94
C CYS A 127 -23.53 2.58 -13.08
N GLU A 128 -24.50 1.74 -12.71
N GLU A 128 -24.50 1.75 -12.69
CA GLU A 128 -25.90 2.12 -12.77
CA GLU A 128 -25.90 2.14 -12.74
C GLU A 128 -26.62 1.83 -11.45
C GLU A 128 -26.60 1.86 -11.43
N PRO A 129 -27.73 2.51 -11.20
CA PRO A 129 -28.50 2.35 -9.96
C PRO A 129 -29.02 0.92 -9.76
N PRO A 130 -29.18 0.51 -8.49
CA PRO A 130 -29.73 -0.80 -8.14
C PRO A 130 -31.14 -1.02 -8.70
N GLU A 131 -31.53 -2.28 -8.84
CA GLU A 131 -32.89 -2.63 -9.20
C GLU A 131 -33.81 -2.19 -8.07
N VAL A 132 -35.06 -1.90 -8.39
CA VAL A 132 -36.03 -1.54 -7.36
C VAL A 132 -36.08 -2.64 -6.31
N GLY A 133 -35.99 -2.25 -5.04
CA GLY A 133 -35.97 -3.21 -3.95
C GLY A 133 -34.57 -3.49 -3.42
N SER A 134 -33.55 -3.12 -4.20
CA SER A 134 -32.18 -3.36 -3.79
C SER A 134 -31.47 -2.07 -3.38
N ASP A 135 -30.51 -2.21 -2.49
CA ASP A 135 -29.78 -1.08 -1.93
C ASP A 135 -28.36 -0.98 -2.49
N CYS A 136 -27.95 -1.98 -3.25
CA CYS A 136 -26.62 -1.97 -3.85
C CYS A 136 -26.69 -2.66 -5.19
N THR A 137 -25.61 -2.57 -5.96
CA THR A 137 -25.51 -3.32 -7.18
CA THR A 137 -25.49 -3.28 -7.21
C THR A 137 -24.45 -4.39 -7.02
N THR A 138 -24.54 -5.43 -7.83
CA THR A 138 -23.60 -6.54 -7.75
C THR A 138 -23.00 -6.78 -9.11
N ILE A 139 -21.68 -6.91 -9.16
CA ILE A 139 -20.98 -7.32 -10.37
C ILE A 139 -20.52 -8.75 -10.17
N HIS A 140 -20.64 -9.58 -11.20
CA HIS A 140 -20.21 -10.96 -11.11
C HIS A 140 -18.89 -11.13 -11.86
N TYR A 141 -17.82 -11.34 -11.13
CA TYR A 141 -16.50 -11.53 -11.73
C TYR A 141 -16.12 -12.99 -11.84
N ASN A 142 -15.25 -13.30 -12.81
CA ASN A 142 -14.65 -14.63 -12.90
C ASN A 142 -13.15 -14.46 -12.96
N TYR A 143 -12.43 -15.36 -12.29
CA TYR A 143 -10.97 -15.40 -12.36
C TYR A 143 -10.55 -16.65 -13.14
N MET A 144 -9.75 -16.44 -14.18
CA MET A 144 -9.60 -17.44 -15.22
C MET A 144 -8.29 -18.25 -15.21
N CYS A 145 -7.54 -18.15 -14.11
CA CYS A 145 -6.38 -18.98 -13.83
C CYS A 145 -6.33 -19.25 -12.35
N TYR A 146 -5.72 -20.36 -11.95
CA TYR A 146 -5.43 -20.62 -10.55
C TYR A 146 -4.25 -19.78 -10.08
N SER A 147 -4.24 -19.45 -8.79
CA SER A 147 -3.06 -18.76 -8.25
C SER A 147 -1.79 -19.56 -8.53
N SER A 148 -1.92 -20.88 -8.59
CA SER A 148 -0.77 -21.76 -8.75
C SER A 148 -0.28 -21.94 -10.19
N CYS A 149 -0.99 -21.37 -11.18
CA CYS A 149 -0.66 -21.66 -12.58
C CYS A 149 0.80 -21.35 -12.93
N MET A 150 1.53 -22.37 -13.35
CA MET A 150 2.91 -22.18 -13.76
C MET A 150 3.04 -21.27 -14.99
N GLY A 151 4.01 -20.36 -14.94
CA GLY A 151 4.22 -19.42 -16.03
C GLY A 151 3.20 -18.28 -16.04
N GLY A 152 2.28 -18.31 -15.07
CA GLY A 152 1.31 -17.25 -14.88
C GLY A 152 1.51 -16.68 -13.49
N MET A 153 0.46 -16.70 -12.68
CA MET A 153 0.61 -16.21 -11.32
C MET A 153 1.67 -16.97 -10.53
N ASN A 154 1.82 -18.25 -10.82
CA ASN A 154 2.91 -19.06 -10.25
CA ASN A 154 2.94 -19.01 -10.26
C ASN A 154 3.03 -18.95 -8.73
N ARG A 155 1.89 -19.09 -8.05
CA ARG A 155 1.78 -19.09 -6.59
C ARG A 155 1.90 -17.72 -5.92
N ARG A 156 2.10 -16.68 -6.73
CA ARG A 156 2.19 -15.31 -6.20
C ARG A 156 0.80 -14.75 -5.92
N PRO A 157 0.59 -14.22 -4.72
CA PRO A 157 -0.71 -13.61 -4.42
C PRO A 157 -0.96 -12.36 -5.25
N ILE A 158 -2.22 -12.13 -5.59
CA ILE A 158 -2.64 -10.93 -6.28
C ILE A 158 -3.66 -10.15 -5.47
N LEU A 159 -3.79 -8.88 -5.83
CA LEU A 159 -4.89 -8.05 -5.36
C LEU A 159 -5.74 -7.67 -6.55
N THR A 160 -7.05 -7.59 -6.34
CA THR A 160 -7.93 -6.93 -7.28
C THR A 160 -8.20 -5.52 -6.78
N ILE A 161 -8.02 -4.56 -7.66
CA ILE A 161 -8.30 -3.15 -7.38
C ILE A 161 -9.56 -2.77 -8.15
N ILE A 162 -10.56 -2.28 -7.43
CA ILE A 162 -11.80 -1.81 -8.05
C ILE A 162 -11.86 -0.30 -7.95
N THR A 163 -11.95 0.34 -9.10
CA THR A 163 -12.03 1.79 -9.12
CA THR A 163 -11.99 1.79 -9.19
C THR A 163 -13.33 2.29 -9.71
N LEU A 164 -13.89 3.29 -9.03
CA LEU A 164 -15.03 4.01 -9.53
C LEU A 164 -14.44 5.19 -10.31
N GLU A 165 -14.84 5.35 -11.58
CA GLU A 165 -14.24 6.35 -12.47
C GLU A 165 -15.32 7.21 -13.11
N ASP A 166 -14.97 8.45 -13.43
CA ASP A 166 -15.88 9.25 -14.25
C ASP A 166 -15.76 8.84 -15.72
N SER A 167 -16.50 9.51 -16.60
CA SER A 167 -16.57 9.12 -17.99
C SER A 167 -15.23 9.27 -18.75
N SER A 168 -14.32 10.10 -18.22
CA SER A 168 -12.97 10.27 -18.77
C SER A 168 -11.96 9.28 -18.19
N GLY A 169 -12.37 8.55 -17.17
CA GLY A 169 -11.48 7.61 -16.51
C GLY A 169 -10.80 8.18 -15.29
N ASN A 170 -11.18 9.39 -14.87
CA ASN A 170 -10.63 9.98 -13.67
C ASN A 170 -11.14 9.28 -12.40
N LEU A 171 -10.29 9.23 -11.39
CA LEU A 171 -10.60 8.54 -10.13
C LEU A 171 -11.73 9.20 -9.34
N LEU A 172 -12.74 8.41 -9.00
CA LEU A 172 -13.77 8.85 -8.05
C LEU A 172 -13.76 8.07 -6.73
N GLY A 173 -13.25 6.85 -6.76
CA GLY A 173 -13.26 6.00 -5.58
C GLY A 173 -12.43 4.76 -5.85
N ARG A 174 -11.95 4.13 -4.80
CA ARG A 174 -11.11 2.94 -4.94
C ARG A 174 -11.26 2.03 -3.73
N ASP A 175 -11.26 0.72 -4.00
CA ASP A 175 -11.24 -0.28 -2.93
C ASP A 175 -10.47 -1.48 -3.51
N SER A 176 -10.15 -2.46 -2.67
CA SER A 176 -9.32 -3.57 -3.14
C SER A 176 -9.44 -4.73 -2.18
N PHE A 177 -9.06 -5.91 -2.68
CA PHE A 177 -9.05 -7.13 -1.87
C PHE A 177 -8.06 -8.11 -2.50
N GLU A 178 -7.46 -8.93 -1.66
CA GLU A 178 -6.59 -10.01 -2.14
C GLU A 178 -7.45 -11.12 -2.72
N VAL A 179 -6.90 -11.89 -3.66
CA VAL A 179 -7.61 -13.01 -4.24
C VAL A 179 -6.71 -14.23 -4.26
N ARG A 180 -7.26 -15.38 -3.89
CA ARG A 180 -6.63 -16.66 -4.15
C ARG A 180 -7.59 -17.49 -4.97
N VAL A 181 -7.15 -17.93 -6.14
CA VAL A 181 -7.96 -18.81 -6.98
C VAL A 181 -7.45 -20.21 -6.74
N CYS A 182 -8.31 -21.09 -6.25
CA CYS A 182 -7.86 -22.39 -5.76
C CYS A 182 -8.95 -23.44 -5.85
N ALA A 183 -8.57 -24.71 -5.68
CA ALA A 183 -9.53 -25.79 -5.82
C ALA A 183 -10.54 -25.87 -4.66
N CYS A 184 -10.10 -25.52 -3.45
CA CYS A 184 -10.95 -25.63 -2.27
CA CYS A 184 -10.93 -25.64 -2.26
C CYS A 184 -10.95 -24.35 -1.45
N PRO A 185 -11.69 -23.35 -1.91
CA PRO A 185 -11.73 -22.05 -1.22
C PRO A 185 -12.12 -22.13 0.26
N GLY A 186 -13.08 -22.99 0.60
CA GLY A 186 -13.51 -23.11 1.98
C GLY A 186 -12.41 -23.57 2.92
N ARG A 187 -11.73 -24.64 2.52
CA ARG A 187 -10.61 -25.15 3.31
C ARG A 187 -9.50 -24.11 3.40
N ASP A 188 -9.16 -23.50 2.28
CA ASP A 188 -8.05 -22.55 2.30
C ASP A 188 -8.35 -21.32 3.14
N ARG A 189 -9.60 -20.85 3.08
CA ARG A 189 -9.99 -19.73 3.94
C ARG A 189 -9.86 -20.12 5.41
N ARG A 190 -10.36 -21.29 5.77
CA ARG A 190 -10.25 -21.75 7.17
C ARG A 190 -8.80 -21.84 7.61
N THR A 191 -7.96 -22.41 6.75
CA THR A 191 -6.53 -22.55 7.04
C THR A 191 -5.85 -21.20 7.27
N GLU A 192 -6.05 -20.26 6.34
CA GLU A 192 -5.39 -18.96 6.44
C GLU A 192 -5.92 -18.13 7.61
N GLU A 193 -7.20 -18.26 7.93
CA GLU A 193 -7.75 -17.58 9.09
C GLU A 193 -7.18 -18.14 10.39
N GLU A 194 -6.98 -19.45 10.44
CA GLU A 194 -6.37 -20.07 11.62
C GLU A 194 -4.92 -19.61 11.75
N ASN A 195 -4.19 -19.61 10.65
CA ASN A 195 -2.82 -19.12 10.66
C ASN A 195 -2.73 -17.70 11.21
N LEU A 196 -3.60 -16.82 10.71
CA LEU A 196 -3.63 -15.43 11.17
C LEU A 196 -3.85 -15.37 12.67
N ARG A 197 -4.80 -16.18 13.16
CA ARG A 197 -5.11 -16.23 14.57
C ARG A 197 -3.90 -16.69 15.40
N LYS A 198 -3.18 -17.68 14.90
CA LYS A 198 -2.02 -18.23 15.60
C LYS A 198 -0.79 -17.35 15.49
N SER B 1 32.15 12.16 0.15
CA SER B 1 31.23 12.25 1.28
C SER B 1 30.39 13.53 1.21
N SER B 2 29.45 13.67 2.13
CA SER B 2 28.48 14.77 2.06
C SER B 2 28.37 15.56 3.36
N SER B 3 27.94 16.81 3.24
CA SER B 3 27.68 17.63 4.42
C SER B 3 26.61 16.95 5.26
N VAL B 4 26.58 17.26 6.55
CA VAL B 4 25.70 16.58 7.49
C VAL B 4 24.52 17.45 7.88
N PRO B 5 23.30 17.01 7.52
CA PRO B 5 22.09 17.72 7.91
C PRO B 5 21.97 17.82 9.42
N SER B 6 21.47 18.96 9.90
CA SER B 6 21.22 19.13 11.32
C SER B 6 20.17 18.16 11.82
N GLN B 7 20.37 17.67 13.05
CA GLN B 7 19.37 16.82 13.70
C GLN B 7 18.84 17.51 14.95
N LYS B 8 19.13 18.80 15.09
CA LYS B 8 18.71 19.54 16.30
C LYS B 8 17.20 19.72 16.36
N THR B 9 16.61 19.32 17.48
CA THR B 9 15.19 19.52 17.66
C THR B 9 14.84 21.00 17.66
N TYR B 10 13.79 21.36 16.94
CA TYR B 10 13.41 22.76 16.78
C TYR B 10 11.91 22.83 16.53
N GLN B 11 11.15 23.23 17.55
CA GLN B 11 9.70 23.27 17.37
C GLN B 11 9.25 24.39 16.44
N GLY B 12 9.99 25.50 16.44
CA GLY B 12 9.66 26.61 15.57
C GLY B 12 8.35 27.30 15.90
N SER B 13 7.90 28.16 14.99
CA SER B 13 6.76 29.04 15.25
C SER B 13 5.43 28.31 15.44
N TYR B 14 5.33 27.11 14.85
CA TYR B 14 4.07 26.36 14.87
C TYR B 14 4.04 25.28 15.96
N GLY B 15 5.11 25.18 16.75
CA GLY B 15 5.18 24.18 17.81
C GLY B 15 5.15 22.77 17.26
N PHE B 16 5.99 22.52 16.26
CA PHE B 16 6.04 21.24 15.58
C PHE B 16 6.78 20.18 16.39
N ARG B 17 6.16 18.99 16.50
CA ARG B 17 6.83 17.83 17.07
C ARG B 17 6.17 16.54 16.63
N LEU B 18 6.89 15.42 16.77
CA LEU B 18 6.36 14.13 16.37
C LEU B 18 5.61 13.42 17.48
N GLY B 19 4.82 12.42 17.09
CA GLY B 19 4.21 11.50 18.04
C GLY B 19 4.18 10.10 17.49
N PHE B 20 4.06 9.11 18.37
CA PHE B 20 4.06 7.72 17.94
C PHE B 20 2.97 6.96 18.68
N LEU B 21 2.40 5.97 18.02
CA LEU B 21 1.41 5.11 18.65
C LEU B 21 2.06 4.30 19.76
N HIS B 22 1.24 3.73 20.63
CA HIS B 22 1.72 2.83 21.67
C HIS B 22 1.34 1.41 21.30
N SER B 23 2.23 0.75 20.57
CA SER B 23 1.88 -0.52 19.92
C SER B 23 2.32 -1.75 20.70
N GLY B 24 3.08 -1.55 21.77
CA GLY B 24 3.51 -2.66 22.60
C GLY B 24 4.66 -3.45 22.00
N THR B 25 4.99 -4.57 22.62
CA THR B 25 6.18 -5.32 22.26
C THR B 25 5.91 -6.80 22.03
N ALA B 26 4.68 -7.13 21.66
CA ALA B 26 4.33 -8.51 21.32
C ALA B 26 5.14 -8.97 20.12
N LYS B 27 5.48 -10.26 20.08
CA LYS B 27 6.33 -10.79 19.02
C LYS B 27 5.76 -10.56 17.63
N SER B 28 4.45 -10.36 17.55
CA SER B 28 3.78 -10.15 16.28
C SER B 28 3.77 -8.69 15.80
N VAL B 29 4.23 -7.78 16.65
CA VAL B 29 4.13 -6.35 16.32
C VAL B 29 5.07 -5.98 15.16
N THR B 30 4.59 -5.13 14.25
CA THR B 30 5.33 -4.80 13.03
C THR B 30 6.08 -3.47 13.13
N CYS B 31 5.66 -2.64 14.07
CA CYS B 31 6.27 -1.34 14.29
C CYS B 31 6.00 -0.95 15.73
N THR B 32 7.04 -0.53 16.44
CA THR B 32 6.87 -0.11 17.82
C THR B 32 7.91 0.94 18.20
N TYR B 33 7.48 1.94 18.97
CA TYR B 33 8.34 3.06 19.33
C TYR B 33 8.71 3.05 20.81
N SER B 34 10.00 3.24 21.09
CA SER B 34 10.50 3.35 22.46
C SER B 34 10.76 4.81 22.83
N PRO B 35 9.93 5.39 23.71
CA PRO B 35 10.22 6.75 24.17
C PRO B 35 11.54 6.82 24.95
N ALA B 36 11.84 5.79 25.74
CA ALA B 36 13.06 5.83 26.54
C ALA B 36 14.31 5.91 25.67
N LEU B 37 14.26 5.28 24.51
CA LEU B 37 15.39 5.24 23.58
C LEU B 37 15.25 6.26 22.45
N ASN B 38 14.11 6.93 22.37
CA ASN B 38 13.71 7.70 21.17
C ASN B 38 14.04 6.93 19.90
N LYS B 39 13.52 5.71 19.81
CA LYS B 39 13.92 4.78 18.77
C LYS B 39 12.70 4.00 18.28
N LEU B 40 12.51 4.01 16.96
CA LEU B 40 11.47 3.24 16.32
C LEU B 40 12.07 1.89 15.86
N PHE B 41 11.37 0.80 16.15
CA PHE B 41 11.75 -0.54 15.71
C PHE B 41 10.68 -1.02 14.74
N CYS B 42 11.07 -1.49 13.56
CA CYS B 42 10.07 -1.89 12.58
C CYS B 42 10.55 -3.00 11.67
N GLN B 43 9.60 -3.75 11.14
CA GLN B 43 9.90 -4.78 10.15
C GLN B 43 10.13 -4.17 8.78
N LEU B 44 10.81 -4.92 7.93
CA LEU B 44 11.12 -4.49 6.57
C LEU B 44 9.88 -4.14 5.76
N ALA B 45 9.84 -2.91 5.25
CA ALA B 45 8.79 -2.45 4.35
C ALA B 45 7.38 -2.35 4.94
N LYS B 46 7.25 -2.55 6.25
CA LYS B 46 5.94 -2.47 6.89
C LYS B 46 5.56 -1.02 7.24
N THR B 47 4.28 -0.79 7.42
CA THR B 47 3.75 0.55 7.74
C THR B 47 4.29 1.06 9.07
N CYS B 48 4.88 2.26 9.06
CA CYS B 48 5.33 2.93 10.27
C CYS B 48 4.58 4.24 10.41
N PRO B 49 3.57 4.26 11.29
CA PRO B 49 2.82 5.51 11.46
CA PRO B 49 2.80 5.49 11.49
C PRO B 49 3.60 6.51 12.29
N VAL B 50 3.70 7.73 11.78
CA VAL B 50 4.39 8.79 12.48
C VAL B 50 3.43 9.96 12.54
N GLN B 51 3.13 10.42 13.76
CA GLN B 51 2.20 11.53 13.94
C GLN B 51 2.92 12.86 13.85
N LEU B 52 2.22 13.85 13.28
CA LEU B 52 2.68 15.23 13.28
C LEU B 52 1.75 16.04 14.16
N TRP B 53 2.33 16.76 15.11
CA TRP B 53 1.57 17.61 16.03
C TRP B 53 2.04 19.07 15.91
N VAL B 54 1.09 20.00 15.89
CA VAL B 54 1.41 21.43 15.92
C VAL B 54 0.52 22.18 16.90
N ASP B 55 1.01 23.31 17.41
CA ASP B 55 0.22 24.18 18.30
C ASP B 55 -0.67 25.10 17.47
N SER B 56 -0.23 25.43 16.26
CA SER B 56 -1.01 26.29 15.38
C SER B 56 -0.87 25.86 13.93
N THR B 57 -1.87 26.21 13.12
CA THR B 57 -1.95 25.79 11.72
C THR B 57 -0.86 26.45 10.86
N PRO B 58 0.00 25.64 10.22
CA PRO B 58 0.93 26.22 9.25
C PRO B 58 0.22 26.56 7.94
N PRO B 59 0.83 27.39 7.12
CA PRO B 59 0.17 27.85 5.89
C PRO B 59 -0.03 26.74 4.85
N PRO B 60 -1.05 26.86 4.00
CA PRO B 60 -1.20 25.95 2.86
C PRO B 60 0.10 25.96 2.06
N GLY B 61 0.57 24.79 1.65
CA GLY B 61 1.83 24.71 0.91
C GLY B 61 2.98 24.24 1.77
N THR B 62 2.79 24.23 3.08
CA THR B 62 3.77 23.67 4.00
C THR B 62 3.95 22.20 3.65
N ARG B 63 5.18 21.69 3.78
CA ARG B 63 5.47 20.28 3.48
C ARG B 63 6.23 19.62 4.62
N VAL B 64 6.29 18.30 4.56
CA VAL B 64 6.95 17.51 5.59
CA VAL B 64 7.01 17.55 5.59
C VAL B 64 7.93 16.56 4.91
N ARG B 65 9.21 16.66 5.26
CA ARG B 65 10.27 15.88 4.63
C ARG B 65 10.89 14.89 5.61
N ALA B 66 11.25 13.70 5.12
CA ALA B 66 11.97 12.69 5.91
C ALA B 66 13.28 12.34 5.22
N MET B 67 14.34 12.24 6.02
CA MET B 67 15.67 11.91 5.53
C MET B 67 16.38 11.09 6.59
N ALA B 68 17.14 10.09 6.18
CA ALA B 68 17.92 9.29 7.12
C ALA B 68 19.38 9.74 7.12
N ILE B 69 20.01 9.73 8.28
CA ILE B 69 21.46 9.89 8.38
C ILE B 69 22.00 8.83 9.33
N TYR B 70 23.29 8.49 9.21
CA TYR B 70 23.92 7.62 10.18
C TYR B 70 24.13 8.36 11.50
N LYS B 71 23.88 7.65 12.60
CA LYS B 71 23.98 8.23 13.93
C LYS B 71 25.43 8.46 14.37
N GLN B 72 26.30 7.50 14.05
CA GLN B 72 27.67 7.54 14.56
C GLN B 72 28.55 8.56 13.85
N SER B 73 29.44 9.19 14.62
CA SER B 73 30.36 10.20 14.12
C SER B 73 31.08 9.79 12.85
N GLN B 74 31.61 8.56 12.83
CA GLN B 74 32.44 8.07 11.73
C GLN B 74 31.66 7.83 10.45
N HIS B 75 30.33 7.76 10.57
CA HIS B 75 29.50 7.39 9.42
C HIS B 75 28.57 8.52 8.96
N MET B 76 28.45 9.57 9.76
CA MET B 76 27.44 10.59 9.46
C MET B 76 27.59 11.28 8.11
N THR B 77 28.82 11.34 7.57
CA THR B 77 28.99 11.99 6.27
C THR B 77 28.65 11.11 5.08
N GLU B 78 28.38 9.82 5.33
CA GLU B 78 28.01 8.88 4.26
C GLU B 78 26.52 8.89 3.99
N VAL B 79 26.13 8.96 2.72
CA VAL B 79 24.71 8.93 2.35
C VAL B 79 24.11 7.59 2.77
N VAL B 80 22.96 7.64 3.46
CA VAL B 80 22.22 6.43 3.79
C VAL B 80 21.43 5.98 2.56
N ARG B 81 21.69 4.78 2.08
CA ARG B 81 21.01 4.27 0.89
C ARG B 81 20.70 2.79 1.04
N ARG B 82 19.89 2.27 0.13
CA ARG B 82 19.62 0.84 0.14
C ARG B 82 20.83 0.07 -0.32
N CYS B 83 20.89 -1.17 0.12
CA CYS B 83 22.03 -2.04 -0.12
C CYS B 83 22.09 -2.51 -1.58
N PRO B 84 23.23 -3.10 -1.97
CA PRO B 84 23.39 -3.51 -3.38
C PRO B 84 22.40 -4.55 -3.84
N HIS B 85 21.84 -5.34 -2.91
CA HIS B 85 20.77 -6.27 -3.24
C HIS B 85 19.41 -5.59 -3.41
N HIS B 86 18.98 -4.84 -2.40
CA HIS B 86 17.64 -4.27 -2.43
C HIS B 86 17.46 -3.18 -3.50
N GLU B 87 18.51 -2.43 -3.82
CA GLU B 87 18.39 -1.43 -4.88
C GLU B 87 18.14 -2.08 -6.26
N ARG B 88 18.40 -3.39 -6.35
CA ARG B 88 18.25 -4.13 -7.60
C ARG B 88 17.09 -5.14 -7.63
N CYS B 89 16.19 -5.07 -6.65
N CYS B 89 16.18 -5.03 -6.65
CA CYS B 89 15.13 -6.09 -6.59
CA CYS B 89 15.09 -6.00 -6.50
C CYS B 89 13.80 -5.69 -7.26
C CYS B 89 13.84 -5.74 -7.35
N SER B 90 13.82 -4.62 -8.05
CA SER B 90 12.63 -4.21 -8.82
C SER B 90 11.39 -4.09 -7.95
N ASP B 91 11.53 -3.53 -6.76
CA ASP B 91 10.40 -3.40 -5.85
C ASP B 91 9.89 -1.97 -5.74
N SER B 92 10.31 -1.11 -6.68
CA SER B 92 9.87 0.28 -6.72
C SER B 92 8.39 0.40 -7.09
N ASP B 93 7.71 1.38 -6.51
CA ASP B 93 6.29 1.60 -6.75
C ASP B 93 6.04 2.56 -7.90
N GLY B 94 7.08 2.84 -8.68
CA GLY B 94 6.98 3.79 -9.77
C GLY B 94 7.32 5.22 -9.37
N LEU B 95 7.22 5.50 -8.07
CA LEU B 95 7.51 6.83 -7.55
C LEU B 95 8.86 6.88 -6.85
N ALA B 96 9.06 5.97 -5.89
CA ALA B 96 10.31 5.93 -5.13
C ALA B 96 11.44 5.36 -5.97
N PRO B 97 12.55 6.10 -6.07
CA PRO B 97 13.72 5.50 -6.73
C PRO B 97 14.12 4.25 -5.95
N PRO B 98 14.63 3.21 -6.63
CA PRO B 98 14.97 1.97 -5.94
C PRO B 98 16.09 2.11 -4.90
N GLN B 99 16.86 3.20 -4.97
CA GLN B 99 17.94 3.45 -4.01
C GLN B 99 17.47 4.00 -2.67
N HIS B 100 16.26 4.57 -2.63
CA HIS B 100 15.80 5.28 -1.42
C HIS B 100 15.36 4.35 -0.30
N LEU B 101 15.94 4.54 0.88
CA LEU B 101 15.56 3.74 2.04
C LEU B 101 14.14 4.03 2.52
N ILE B 102 13.78 5.30 2.57
CA ILE B 102 12.51 5.71 3.15
C ILE B 102 11.50 6.02 2.06
N ARG B 103 10.35 5.34 2.13
CA ARG B 103 9.22 5.65 1.25
C ARG B 103 8.04 6.15 2.08
N VAL B 104 7.17 6.91 1.42
CA VAL B 104 5.85 7.20 1.98
C VAL B 104 4.83 6.29 1.33
N GLU B 105 4.01 5.66 2.16
CA GLU B 105 2.99 4.72 1.71
C GLU B 105 1.68 5.45 1.52
N GLY B 106 1.01 5.21 0.39
CA GLY B 106 -0.35 5.68 0.18
C GLY B 106 -0.52 7.19 0.06
N ASN B 107 0.40 7.85 -0.62
CA ASN B 107 0.26 9.28 -0.87
C ASN B 107 0.81 9.63 -2.25
N LEU B 108 -0.10 9.85 -3.20
CA LEU B 108 0.33 10.12 -4.58
C LEU B 108 1.00 11.48 -4.76
N ARG B 109 0.99 12.30 -3.72
CA ARG B 109 1.67 13.58 -3.79
C ARG B 109 3.07 13.54 -3.18
N ALA B 110 3.51 12.34 -2.78
CA ALA B 110 4.88 12.17 -2.31
C ALA B 110 5.87 12.46 -3.43
N GLU B 111 6.90 13.23 -3.12
CA GLU B 111 7.99 13.49 -4.05
C GLU B 111 9.30 13.01 -3.46
N TYR B 112 10.16 12.46 -4.30
CA TYR B 112 11.44 11.93 -3.88
C TYR B 112 12.57 12.78 -4.44
N LEU B 113 13.48 13.19 -3.58
CA LEU B 113 14.58 14.07 -3.97
C LEU B 113 15.92 13.35 -3.87
N ASP B 114 16.70 13.44 -4.93
CA ASP B 114 18.13 13.16 -4.90
C ASP B 114 18.81 14.52 -4.88
N ASP B 115 19.39 14.92 -3.76
CA ASP B 115 19.93 16.27 -3.66
C ASP B 115 21.10 16.43 -4.64
N ARG B 116 21.06 17.49 -5.43
CA ARG B 116 22.05 17.67 -6.50
C ARG B 116 23.44 17.96 -5.96
N ASN B 117 23.51 18.47 -4.74
CA ASN B 117 24.79 18.82 -4.14
C ASN B 117 25.31 17.77 -3.16
N THR B 118 24.43 17.30 -2.28
CA THR B 118 24.83 16.38 -1.20
C THR B 118 24.59 14.91 -1.55
N PHE B 119 23.82 14.68 -2.60
CA PHE B 119 23.47 13.32 -3.03
C PHE B 119 22.57 12.58 -2.04
N ARG B 120 22.15 13.25 -0.99
CA ARG B 120 21.26 12.61 -0.02
C ARG B 120 19.83 12.45 -0.53
N HIS B 121 19.17 11.42 -0.02
CA HIS B 121 17.81 11.11 -0.44
C HIS B 121 16.82 11.63 0.57
N SER B 122 15.65 12.03 0.10
CA SER B 122 14.56 12.36 1.00
C SER B 122 13.23 12.20 0.30
N VAL B 123 12.18 12.12 1.10
CA VAL B 123 10.82 12.03 0.59
C VAL B 123 9.98 13.07 1.29
N VAL B 124 9.18 13.79 0.52
CA VAL B 124 8.45 14.94 1.04
C VAL B 124 6.99 14.90 0.59
N VAL B 125 6.08 15.25 1.51
CA VAL B 125 4.66 15.30 1.20
C VAL B 125 4.06 16.61 1.68
N PRO B 126 2.90 16.99 1.13
CA PRO B 126 2.24 18.17 1.68
C PRO B 126 1.80 17.96 3.13
N CYS B 127 1.92 19.00 3.93
CA CYS B 127 1.39 18.98 5.29
C CYS B 127 -0.09 19.33 5.20
N GLU B 128 -0.94 18.40 5.64
CA GLU B 128 -2.38 18.60 5.57
C GLU B 128 -2.96 18.61 6.98
N PRO B 129 -4.07 19.34 7.19
CA PRO B 129 -4.74 19.32 8.50
C PRO B 129 -5.28 17.92 8.83
N PRO B 130 -5.48 17.65 10.13
CA PRO B 130 -6.00 16.36 10.58
C PRO B 130 -7.37 16.07 9.98
N GLU B 131 -7.69 14.78 9.82
CA GLU B 131 -9.04 14.39 9.41
C GLU B 131 -10.02 14.85 10.47
N VAL B 132 -11.29 14.98 10.09
CA VAL B 132 -12.32 15.36 11.05
C VAL B 132 -12.33 14.38 12.22
N GLY B 133 -12.27 14.90 13.44
CA GLY B 133 -12.28 14.07 14.62
C GLY B 133 -10.91 13.70 15.13
N SER B 134 -9.87 14.01 14.36
CA SER B 134 -8.49 13.72 14.76
CA SER B 134 -8.49 13.72 14.76
C SER B 134 -7.78 14.99 15.20
N ASP B 135 -6.82 14.83 16.11
CA ASP B 135 -6.07 15.97 16.64
C ASP B 135 -4.70 16.12 15.98
N CYS B 136 -4.30 15.12 15.20
CA CYS B 136 -3.00 15.17 14.54
C CYS B 136 -3.08 14.55 13.16
N THR B 137 -2.05 14.76 12.38
CA THR B 137 -1.93 14.16 11.06
CA THR B 137 -1.95 14.13 11.08
C THR B 137 -0.93 13.02 11.15
N THR B 138 -1.16 11.95 10.40
CA THR B 138 -0.26 10.81 10.42
C THR B 138 0.29 10.54 9.02
N ILE B 139 1.61 10.34 8.96
CA ILE B 139 2.24 9.90 7.72
CA ILE B 139 2.26 9.90 7.73
C ILE B 139 2.65 8.44 7.90
N HIS B 140 2.46 7.64 6.85
CA HIS B 140 2.90 6.24 6.90
CA HIS B 140 2.90 6.23 6.90
C HIS B 140 4.19 6.08 6.14
N TYR B 141 5.25 5.74 6.85
CA TYR B 141 6.55 5.52 6.23
C TYR B 141 6.84 4.02 6.11
N ASN B 142 7.67 3.70 5.13
CA ASN B 142 8.21 2.33 4.97
C ASN B 142 9.72 2.43 4.90
N TYR B 143 10.41 1.53 5.61
CA TYR B 143 11.87 1.44 5.52
C TYR B 143 12.23 0.20 4.72
N MET B 144 13.05 0.39 3.69
CA MET B 144 13.17 -0.62 2.64
C MET B 144 14.44 -1.49 2.65
N CYS B 145 15.22 -1.40 3.74
CA CYS B 145 16.31 -2.33 4.03
C CYS B 145 16.32 -2.62 5.52
N TYR B 146 16.85 -3.78 5.89
CA TYR B 146 17.13 -4.07 7.29
C TYR B 146 18.34 -3.25 7.74
N SER B 147 18.40 -2.92 9.02
CA SER B 147 19.59 -2.31 9.57
C SER B 147 20.84 -3.14 9.26
N SER B 148 20.67 -4.46 9.17
CA SER B 148 21.78 -5.37 8.97
C SER B 148 22.19 -5.59 7.51
N CYS B 149 21.48 -5.00 6.55
CA CYS B 149 21.81 -5.24 5.13
C CYS B 149 23.27 -4.95 4.80
N MET B 150 23.98 -5.96 4.30
CA MET B 150 25.38 -5.77 3.96
C MET B 150 25.53 -4.92 2.70
N GLY B 151 26.50 -4.01 2.72
CA GLY B 151 26.68 -3.09 1.62
C GLY B 151 25.77 -1.87 1.69
N GLY B 152 24.82 -1.91 2.62
CA GLY B 152 23.95 -0.77 2.88
C GLY B 152 24.19 -0.28 4.29
N MET B 153 23.16 -0.27 5.12
CA MET B 153 23.33 0.19 6.50
C MET B 153 24.38 -0.62 7.27
N ASN B 154 24.49 -1.92 6.97
CA ASN B 154 25.61 -2.70 7.48
C ASN B 154 25.72 -2.68 9.00
N ARG B 155 24.57 -2.78 9.67
CA ARG B 155 24.46 -2.81 11.13
C ARG B 155 24.66 -1.46 11.82
N ARG B 156 24.85 -0.40 11.04
CA ARG B 156 25.07 0.93 11.58
C ARG B 156 23.73 1.61 11.89
N PRO B 157 23.58 2.11 13.12
CA PRO B 157 22.32 2.78 13.47
C PRO B 157 22.10 4.05 12.65
N ILE B 158 20.83 4.31 12.32
CA ILE B 158 20.45 5.54 11.64
C ILE B 158 19.46 6.35 12.47
N LEU B 159 19.35 7.62 12.10
CA LEU B 159 18.30 8.50 12.58
C LEU B 159 17.47 8.91 11.39
N THR B 160 16.17 9.07 11.60
CA THR B 160 15.31 9.75 10.64
C THR B 160 15.09 11.17 11.15
N ILE B 161 15.31 12.16 10.28
CA ILE B 161 15.06 13.56 10.58
C ILE B 161 13.81 13.97 9.83
N ILE B 162 12.83 14.48 10.57
CA ILE B 162 11.60 14.99 9.98
C ILE B 162 11.61 16.48 10.05
N THR B 163 11.47 17.13 8.90
CA THR B 163 11.45 18.58 8.85
CA THR B 163 11.49 18.58 8.80
C THR B 163 10.15 19.11 8.29
N LEU B 164 9.64 20.12 8.97
CA LEU B 164 8.49 20.86 8.48
C LEU B 164 9.09 22.02 7.70
N GLU B 165 8.62 22.22 6.47
CA GLU B 165 9.22 23.21 5.55
C GLU B 165 8.13 24.06 4.93
N ASP B 166 8.49 25.29 4.55
CA ASP B 166 7.57 26.07 3.74
C ASP B 166 7.64 25.64 2.28
N SER B 167 6.89 26.30 1.42
CA SER B 167 6.80 25.83 0.03
C SER B 167 8.09 26.00 -0.76
N SER B 168 9.01 26.84 -0.26
CA SER B 168 10.35 27.00 -0.83
C SER B 168 11.35 25.98 -0.30
N GLY B 169 10.98 25.25 0.75
CA GLY B 169 11.91 24.32 1.40
C GLY B 169 12.63 24.90 2.61
N ASN B 170 12.28 26.12 3.01
CA ASN B 170 12.90 26.72 4.19
C ASN B 170 12.42 26.03 5.46
N LEU B 171 13.31 25.90 6.43
CA LEU B 171 13.00 25.23 7.68
C LEU B 171 11.93 25.94 8.51
N LEU B 172 10.89 25.19 8.91
CA LEU B 172 9.94 25.68 9.90
C LEU B 172 10.01 24.93 11.24
N GLY B 173 10.43 23.67 11.21
CA GLY B 173 10.49 22.85 12.42
C GLY B 173 11.25 21.57 12.14
N ARG B 174 11.77 20.94 13.20
CA ARG B 174 12.58 19.75 13.03
C ARG B 174 12.44 18.84 14.24
N ASP B 175 12.42 17.53 13.97
CA ASP B 175 12.42 16.52 15.04
C ASP B 175 13.11 15.30 14.45
N SER B 176 13.42 14.31 15.29
CA SER B 176 14.15 13.14 14.80
C SER B 176 13.96 11.97 15.75
N PHE B 177 14.26 10.79 15.24
CA PHE B 177 14.20 9.56 16.04
C PHE B 177 15.15 8.53 15.44
N GLU B 178 15.71 7.67 16.28
CA GLU B 178 16.52 6.57 15.79
C GLU B 178 15.60 5.51 15.18
N VAL B 179 16.14 4.71 14.26
CA VAL B 179 15.37 3.62 13.66
C VAL B 179 16.21 2.36 13.60
N ARG B 180 15.60 1.24 13.98
CA ARG B 180 16.17 -0.08 13.70
C ARG B 180 15.16 -0.85 12.88
N VAL B 181 15.57 -1.30 11.70
CA VAL B 181 14.71 -2.14 10.88
C VAL B 181 15.17 -3.57 11.12
N CYS B 182 14.26 -4.42 11.58
CA CYS B 182 14.64 -5.74 12.06
C CYS B 182 13.49 -6.73 11.95
N ALA B 183 13.80 -8.02 12.09
CA ALA B 183 12.80 -9.06 11.95
C ALA B 183 11.81 -9.10 13.11
N CYS B 184 12.27 -8.80 14.31
CA CYS B 184 11.44 -8.87 15.50
CA CYS B 184 11.41 -8.85 15.49
C CYS B 184 11.53 -7.59 16.33
N PRO B 185 10.84 -6.52 15.90
CA PRO B 185 10.86 -5.23 16.59
C PRO B 185 10.47 -5.30 18.06
N GLY B 186 9.46 -6.11 18.38
CA GLY B 186 8.99 -6.24 19.75
C GLY B 186 10.07 -6.76 20.68
N ARG B 187 10.69 -7.86 20.26
CA ARG B 187 11.78 -8.45 21.02
C ARG B 187 12.98 -7.50 21.13
N ASP B 188 13.36 -6.88 20.03
CA ASP B 188 14.52 -5.99 20.06
C ASP B 188 14.27 -4.75 20.92
N ARG B 189 13.05 -4.24 20.89
CA ARG B 189 12.72 -3.12 21.78
C ARG B 189 12.84 -3.53 23.25
N ARG B 190 12.27 -4.68 23.61
CA ARG B 190 12.38 -5.16 24.99
C ARG B 190 13.83 -5.33 25.41
N THR B 191 14.63 -5.92 24.53
CA THR B 191 16.05 -6.14 24.80
C THR B 191 16.79 -4.83 25.04
N GLU B 192 16.64 -3.87 24.13
CA GLU B 192 17.37 -2.62 24.24
C GLU B 192 16.92 -1.77 25.41
N GLU B 193 15.63 -1.85 25.76
CA GLU B 193 15.13 -1.15 26.93
C GLU B 193 15.65 -1.79 28.21
N GLU B 194 15.91 -3.10 28.16
CA GLU B 194 16.55 -3.81 29.26
C GLU B 194 17.99 -3.34 29.42
N ASN B 195 18.73 -3.32 28.32
CA ASN B 195 20.12 -2.85 28.35
C ASN B 195 20.21 -1.44 28.92
N LEU B 196 19.22 -0.62 28.61
CA LEU B 196 19.18 0.75 29.10
C LEU B 196 18.95 0.75 30.61
N ARG B 197 18.01 -0.08 31.07
CA ARG B 197 17.79 -0.27 32.49
C ARG B 197 19.01 -0.91 33.14
ZN ZN C . -3.65 -20.78 -15.83
C KMN D . -24.13 0.95 -6.02
O KMN D . -25.84 6.19 -13.34
C01 KMN D . -25.92 4.58 -8.78
C1 KMN D . -27.38 4.50 -6.81
N1 KMN D . -28.50 4.96 -4.57
O1 KMN D . -26.95 2.87 -5.10
C02 KMN D . -25.16 3.52 -8.26
C2 KMN D . -28.58 5.06 -6.08
N2 KMN D . -29.01 6.00 -0.35
C03 KMN D . -29.88 4.92 -3.98
C3 KMN D . -27.02 5.06 -8.04
C04 KMN D . -25.56 5.17 -10.02
C4 KMN D . -25.51 2.95 -7.04
C05 KMN D . -25.26 5.71 -11.05
C06 KMN D . -24.86 6.35 -12.31
C07 KMN D . -26.97 6.96 -13.25
C7 KMN D . -26.61 3.44 -6.32
C08 KMN D . -27.97 6.67 -14.19
C8 KMN D . -29.79 4.81 -2.46
C09 KMN D . -29.16 7.38 -14.19
C10 KMN D . -28.99 5.97 -1.89
C11 KMN D . -30.15 5.16 0.24
C12 KMN D . -31.37 6.04 0.48
C13 KMN D . -27.69 5.67 0.34
C14 KMN D . -27.88 5.66 1.84
C15 KMN D . -27.57 5.97 -2.46
C16 KMN D . -27.62 6.05 -3.98
C17 KMN D . -29.37 8.41 -13.26
C18 KMN D . -28.37 8.71 -12.32
C19 KMN D . -27.17 7.99 -12.32
C20 KMN D . -24.74 1.87 -6.50
ZN ZN E . 18.90 -4.15 1.90
C KMN F . -0.47 18.22 12.58
O KMN F . -2.47 23.12 5.04
C01 KMN F . -2.33 21.68 9.68
C1 KMN F . -3.71 21.74 11.68
N1 KMN F . -4.75 22.28 13.94
O1 KMN F . -3.23 20.20 13.46
C02 KMN F . -1.56 20.66 10.21
C2 KMN F . -4.88 22.33 12.42
N2 KMN F . -5.10 23.51 18.08
C03 KMN F . -6.12 22.25 14.57
C3 KMN F . -3.40 22.22 10.40
C04 KMN F . -2.01 22.21 8.38
C4 KMN F . -1.87 20.16 11.47
C05 KMN F . -1.74 22.68 7.31
C06 KMN F . -1.41 23.26 6.00
C07 KMN F . -3.57 23.91 5.22
C7 KMN F . -2.93 20.69 12.20
C08 KMN F . -4.65 23.61 4.40
C8 KMN F . -6.00 22.23 16.09
C09 KMN F . -5.83 24.35 4.48
C10 KMN F . -5.15 23.41 16.56
C11 KMN F . -6.35 22.89 18.74
C12 KMN F . -7.51 23.88 18.73
C13 KMN F . -3.83 22.95 18.72
C14 KMN F . -3.82 23.25 20.21
C15 KMN F . -3.74 23.32 15.97
C16 KMN F . -3.83 23.35 14.45
C17 KMN F . -5.92 25.41 5.39
C18 KMN F . -4.85 25.72 6.22
C19 KMN F . -3.67 24.97 6.13
C20 KMN F . -1.09 19.10 12.06
#